data_5MPT
#
_entry.id   5MPT
#
_cell.length_a   98.370
_cell.length_b   98.370
_cell.length_c   133.430
_cell.angle_alpha   90.00
_cell.angle_beta   90.00
_cell.angle_gamma   120.00
#
_symmetry.space_group_name_H-M   'H 3'
#
loop_
_entity.id
_entity.type
_entity.pdbx_description
1 polymer 'Citrinin polyketide synthase'
2 non-polymer S-ADENOSYL-L-HOMOCYSTEINE
3 non-polymer 1,2-ETHANEDIOL
4 water water
#
_entity_poly.entity_id   1
_entity_poly.type   'polypeptide(L)'
_entity_poly.pdbx_seq_one_letter_code
;MVLFPELGGSILPKSAILDAFRIAKEATDDFILNGQLGTYYNEVMPRSTELCVAHIVNAFEQLGCPIRSAAAYQRLERVP
YLPKHERFMNLIYGLLEEARLIDINGSEITRTSVPVSTKSVETMLEELLHDEPLHAAEHKLTSLTGSKFADCITGKEDGL
QLIFGSPEGREIVTDVYAKSPINAVWIQQAEFFLEQLVKRLPNTGEPLRILEMGAGTGGTTVKMLPLLERLGVPVEYTMT
DLSSSLIAAARKRFKKYPFMKFKVVNIESPPDPQLVHSQHIILATNCVHATRNLEISTRNIHRILRPDGFLLLLEMTEQV
PWVDFIFGLLEGWWLFEDGRRHALQPATHWKKILTSVGYGHVDWTEGTRPEANIQRLIIALASEPRYDHTPQSLQPPVQV
PLTDAALEHHHHHH
;
_entity_poly.pdbx_strand_id   A
#
loop_
_chem_comp.id
_chem_comp.type
_chem_comp.name
_chem_comp.formula
EDO non-polymer 1,2-ETHANEDIOL 'C2 H6 O2'
SAH non-polymer S-ADENOSYL-L-HOMOCYSTEINE 'C14 H20 N6 O5 S'
#
# COMPACT_ATOMS: atom_id res chain seq x y z
N LEU A 7 -31.94 0.52 12.53
CA LEU A 7 -30.93 1.30 11.80
C LEU A 7 -31.18 1.24 10.30
N GLY A 8 -32.05 2.13 9.82
CA GLY A 8 -32.28 2.27 8.40
C GLY A 8 -31.12 3.00 7.77
N GLY A 9 -30.52 2.38 6.75
CA GLY A 9 -29.46 2.98 5.99
C GLY A 9 -29.94 3.43 4.61
N SER A 10 -29.05 4.13 3.93
CA SER A 10 -29.33 4.66 2.62
C SER A 10 -29.65 3.54 1.62
N ILE A 11 -30.35 3.91 0.56
CA ILE A 11 -30.51 3.04 -0.61
C ILE A 11 -29.24 3.12 -1.44
N LEU A 12 -28.79 1.98 -1.96
CA LEU A 12 -27.54 1.90 -2.73
C LEU A 12 -27.78 1.05 -3.98
N PRO A 13 -28.35 1.65 -5.03
CA PRO A 13 -28.62 0.88 -6.25
C PRO A 13 -27.33 0.37 -6.89
N LYS A 14 -27.40 -0.85 -7.45
CA LYS A 14 -26.23 -1.39 -8.13
C LYS A 14 -25.76 -0.48 -9.28
N SER A 15 -26.69 0.17 -10.00
CA SER A 15 -26.30 0.99 -11.15
C SER A 15 -25.46 2.18 -10.73
N ALA A 16 -25.71 2.73 -9.55
CA ALA A 16 -24.92 3.84 -9.04
C ALA A 16 -23.48 3.42 -8.85
N ILE A 17 -23.28 2.23 -8.30
CA ILE A 17 -21.93 1.74 -8.10
C ILE A 17 -21.25 1.51 -9.44
N LEU A 18 -21.89 0.74 -10.30
CA LEU A 18 -21.26 0.32 -11.55
C LEU A 18 -21.03 1.50 -12.49
N ASP A 19 -21.97 2.45 -12.54
CA ASP A 19 -21.78 3.60 -13.41
C ASP A 19 -20.69 4.52 -12.87
N ALA A 20 -20.67 4.76 -11.56
CA ALA A 20 -19.60 5.56 -10.99
C ALA A 20 -18.24 4.89 -11.19
N PHE A 21 -18.16 3.56 -10.96
CA PHE A 21 -16.87 2.92 -11.10
C PHE A 21 -16.37 2.97 -12.53
N ARG A 22 -17.27 2.77 -13.49
CA ARG A 22 -16.85 2.81 -14.88
C ARG A 22 -16.27 4.17 -15.23
N ILE A 23 -16.93 5.24 -14.79
CA ILE A 23 -16.43 6.59 -15.04
C ILE A 23 -15.04 6.77 -14.43
N ALA A 24 -14.86 6.35 -13.18
CA ALA A 24 -13.57 6.50 -12.53
C ALA A 24 -12.50 5.68 -13.24
N LYS A 25 -12.86 4.44 -13.59
CA LYS A 25 -11.94 3.51 -14.24
C LYS A 25 -11.42 4.11 -15.54
N GLU A 26 -12.31 4.65 -16.37
CA GLU A 26 -11.85 5.19 -17.65
C GLU A 26 -10.94 6.40 -17.50
N ALA A 27 -10.91 7.05 -16.34
CA ALA A 27 -10.07 8.21 -16.10
C ALA A 27 -8.75 7.87 -15.42
N THR A 28 -8.43 6.58 -15.27
CA THR A 28 -7.22 6.18 -14.53
C THR A 28 -5.96 6.89 -15.03
N ASP A 29 -5.71 6.86 -16.35
CA ASP A 29 -4.53 7.52 -16.92
C ASP A 29 -4.56 9.02 -16.69
N ASP A 30 -5.75 9.61 -16.71
CA ASP A 30 -5.90 11.02 -16.39
C ASP A 30 -5.48 11.31 -14.96
N PHE A 31 -5.86 10.44 -14.00
CA PHE A 31 -5.45 10.69 -12.62
C PHE A 31 -3.94 10.55 -12.47
N ILE A 32 -3.33 9.60 -13.19
CA ILE A 32 -1.88 9.39 -13.12
C ILE A 32 -1.14 10.62 -13.63
N LEU A 33 -1.57 11.15 -14.77
CA LEU A 33 -0.93 12.34 -15.31
C LEU A 33 -1.15 13.56 -14.42
N ASN A 34 -2.40 13.82 -14.03
CA ASN A 34 -2.71 14.99 -13.22
C ASN A 34 -1.97 14.96 -11.90
N GLY A 35 -1.89 13.80 -11.30
CA GLY A 35 -1.25 13.64 -10.02
C GLY A 35 0.24 13.58 -10.05
N GLN A 36 0.86 13.84 -11.20
CA GLN A 36 2.30 13.94 -11.34
C GLN A 36 3.02 12.60 -11.15
N LEU A 37 2.33 11.51 -11.50
CA LEU A 37 2.88 10.16 -11.55
C LEU A 37 3.22 9.70 -12.96
N GLY A 38 3.03 10.54 -13.98
CA GLY A 38 3.20 10.03 -15.33
C GLY A 38 4.63 9.80 -15.80
N THR A 39 5.63 10.12 -15.01
CA THR A 39 6.99 9.71 -15.33
C THR A 39 7.54 8.76 -14.30
N TYR A 40 6.70 8.24 -13.40
CA TYR A 40 7.23 7.54 -12.23
C TYR A 40 7.90 6.23 -12.61
N TYR A 41 7.24 5.41 -13.42
CA TYR A 41 7.80 4.10 -13.73
C TYR A 41 9.11 4.22 -14.50
N ASN A 42 9.14 5.08 -15.50
CA ASN A 42 10.31 5.16 -16.38
C ASN A 42 11.39 6.11 -15.92
N GLU A 43 11.06 7.12 -15.10
CA GLU A 43 12.06 8.11 -14.74
C GLU A 43 12.39 8.21 -13.26
N VAL A 44 11.47 7.93 -12.36
CA VAL A 44 11.69 8.06 -10.93
C VAL A 44 12.13 6.75 -10.33
N MET A 45 11.41 5.68 -10.66
CA MET A 45 11.70 4.39 -10.03
C MET A 45 13.10 3.85 -10.34
N PRO A 46 13.66 4.00 -11.53
CA PRO A 46 15.06 3.55 -11.70
C PRO A 46 16.00 4.28 -10.77
N ARG A 47 15.66 5.52 -10.39
CA ARG A 47 16.56 6.27 -9.53
C ARG A 47 16.41 5.81 -8.09
N SER A 48 15.19 5.55 -7.65
CA SER A 48 15.03 5.03 -6.30
C SER A 48 15.58 3.61 -6.18
N THR A 49 15.46 2.80 -7.24
CA THR A 49 16.03 1.46 -7.23
C THR A 49 17.55 1.54 -7.16
N GLU A 50 18.11 2.50 -7.88
CA GLU A 50 19.56 2.71 -7.83
C GLU A 50 20.01 3.06 -6.41
N LEU A 51 19.26 3.92 -5.72
CA LEU A 51 19.59 4.27 -4.36
C LEU A 51 19.49 3.05 -3.43
N CYS A 52 18.46 2.22 -3.61
CA CYS A 52 18.37 1.01 -2.80
C CYS A 52 19.60 0.12 -3.00
N VAL A 53 19.95 -0.11 -4.27
CA VAL A 53 21.08 -0.97 -4.59
C VAL A 53 22.34 -0.41 -3.96
N ALA A 54 22.57 0.90 -4.06
CA ALA A 54 23.76 1.50 -3.46
C ALA A 54 23.77 1.29 -1.96
N HIS A 55 22.62 1.44 -1.32
CA HIS A 55 22.53 1.18 0.12
C HIS A 55 22.84 -0.28 0.44
N ILE A 56 22.41 -1.18 -0.43
CA ILE A 56 22.68 -2.61 -0.21
C ILE A 56 24.17 -2.88 -0.33
N VAL A 57 24.80 -2.32 -1.36
CA VAL A 57 26.23 -2.52 -1.55
C VAL A 57 26.99 -2.03 -0.32
N ASN A 58 26.62 -0.84 0.18
CA ASN A 58 27.25 -0.32 1.38
C ASN A 58 27.07 -1.24 2.58
N ALA A 59 25.86 -1.80 2.76
CA ALA A 59 25.63 -2.71 3.87
C ALA A 59 26.47 -3.98 3.74
N PHE A 60 26.56 -4.50 2.53
CA PHE A 60 27.33 -5.71 2.27
C PHE A 60 28.81 -5.50 2.61
N GLU A 61 29.35 -4.37 2.20
CA GLU A 61 30.73 -4.02 2.54
C GLU A 61 30.91 -3.99 4.06
N GLN A 62 29.97 -3.34 4.75
CA GLN A 62 29.99 -3.28 6.21
C GLN A 62 29.93 -4.65 6.83
N LEU A 63 29.23 -5.60 6.19
CA LEU A 63 29.10 -6.95 6.71
C LEU A 63 30.18 -7.89 6.20
N GLY A 64 31.24 -7.36 5.58
CA GLY A 64 32.38 -8.18 5.22
C GLY A 64 32.34 -8.78 3.84
N CYS A 65 31.41 -8.33 2.99
CA CYS A 65 31.34 -8.75 1.59
C CYS A 65 31.96 -7.67 0.71
N PRO A 66 33.14 -7.92 0.10
CA PRO A 66 33.88 -6.90 -0.66
C PRO A 66 33.34 -6.70 -2.08
N ILE A 67 32.03 -6.55 -2.18
CA ILE A 67 31.39 -6.54 -3.48
C ILE A 67 31.88 -5.36 -4.32
N ARG A 68 32.21 -4.25 -3.68
CA ARG A 68 32.62 -3.08 -4.43
C ARG A 68 33.95 -3.30 -5.14
N SER A 69 34.83 -4.10 -4.56
CA SER A 69 36.16 -4.31 -5.11
C SER A 69 36.36 -5.68 -5.73
N ALA A 70 35.35 -6.55 -5.67
CA ALA A 70 35.49 -7.92 -6.14
C ALA A 70 35.68 -7.96 -7.64
N ALA A 71 36.54 -8.87 -8.09
CA ALA A 71 36.79 -9.02 -9.51
C ALA A 71 35.66 -9.81 -10.17
N ALA A 72 35.64 -9.77 -11.49
CA ALA A 72 34.66 -10.56 -12.22
C ALA A 72 34.82 -12.04 -11.90
N TYR A 73 33.70 -12.70 -11.63
CA TYR A 73 33.55 -14.12 -11.35
C TYR A 73 33.97 -14.48 -9.93
N GLN A 74 34.41 -13.52 -9.12
CA GLN A 74 34.73 -13.79 -7.73
C GLN A 74 33.54 -14.36 -6.97
N ARG A 75 33.76 -15.47 -6.28
CA ARG A 75 32.72 -16.04 -5.42
C ARG A 75 32.56 -15.17 -4.19
N LEU A 76 31.31 -14.82 -3.88
CA LEU A 76 30.97 -13.99 -2.74
C LEU A 76 30.24 -14.84 -1.70
N GLU A 77 30.65 -14.71 -0.44
CA GLU A 77 29.94 -15.39 0.63
C GLU A 77 28.66 -14.64 0.98
N ARG A 78 27.67 -15.39 1.43
CA ARG A 78 26.43 -14.77 1.88
C ARG A 78 26.73 -13.89 3.09
N VAL A 79 26.05 -12.74 3.16
CA VAL A 79 26.22 -11.86 4.31
C VAL A 79 25.46 -12.42 5.51
N PRO A 80 25.83 -12.06 6.74
CA PRO A 80 25.06 -12.49 7.91
C PRO A 80 23.75 -11.72 8.06
N TYR A 81 22.77 -12.39 8.65
CA TYR A 81 21.48 -11.75 8.91
C TYR A 81 20.66 -12.70 9.76
N LEU A 82 19.66 -12.13 10.42
CA LEU A 82 18.78 -12.89 11.29
C LEU A 82 17.95 -13.87 10.49
N PRO A 83 17.68 -15.07 11.01
CA PRO A 83 16.87 -16.02 10.25
C PRO A 83 15.55 -15.47 9.76
N LYS A 84 14.88 -14.60 10.52
CA LYS A 84 13.57 -14.11 10.10
C LYS A 84 13.64 -13.31 8.81
N HIS A 85 14.85 -12.96 8.36
CA HIS A 85 15.01 -12.18 7.16
C HIS A 85 15.34 -13.02 5.93
N GLU A 86 15.28 -14.34 6.02
CA GLU A 86 15.64 -15.20 4.90
C GLU A 86 14.89 -14.83 3.62
N ARG A 87 13.55 -14.76 3.67
CA ARG A 87 12.79 -14.47 2.45
C ARG A 87 13.13 -13.09 1.91
N PHE A 88 13.19 -12.09 2.79
CA PHE A 88 13.64 -10.75 2.42
C PHE A 88 15.02 -10.76 1.77
N MET A 89 15.99 -11.45 2.38
CA MET A 89 17.32 -11.36 1.82
C MET A 89 17.42 -12.07 0.48
N ASN A 90 16.60 -13.08 0.24
CA ASN A 90 16.54 -13.64 -1.10
C ASN A 90 16.01 -12.61 -2.11
N LEU A 91 15.07 -11.77 -1.69
CA LEU A 91 14.61 -10.67 -2.54
C LEU A 91 15.72 -9.63 -2.72
N ILE A 92 16.47 -9.34 -1.66
CA ILE A 92 17.59 -8.39 -1.72
C ILE A 92 18.66 -8.87 -2.71
N TYR A 93 19.05 -10.14 -2.60
CA TYR A 93 20.02 -10.67 -3.56
C TYR A 93 19.45 -10.65 -4.96
N GLY A 94 18.16 -10.92 -5.08
CA GLY A 94 17.51 -10.77 -6.37
C GLY A 94 17.67 -9.37 -6.93
N LEU A 95 17.50 -8.35 -6.09
CA LEU A 95 17.65 -6.99 -6.62
C LEU A 95 19.08 -6.77 -7.09
N LEU A 96 20.06 -7.26 -6.34
CA LEU A 96 21.44 -7.08 -6.76
C LEU A 96 21.70 -7.79 -8.09
N GLU A 97 21.07 -8.95 -8.29
CA GLU A 97 21.20 -9.63 -9.57
C GLU A 97 20.54 -8.83 -10.68
N GLU A 98 19.32 -8.31 -10.43
CA GLU A 98 18.67 -7.50 -11.46
C GLU A 98 19.51 -6.29 -11.83
N ALA A 99 20.25 -5.73 -10.88
CA ALA A 99 21.15 -4.62 -11.14
C ALA A 99 22.44 -5.06 -11.80
N ARG A 100 22.58 -6.37 -12.03
CA ARG A 100 23.70 -6.95 -12.76
C ARG A 100 25.03 -6.78 -12.01
N LEU A 101 24.98 -6.69 -10.69
CA LEU A 101 26.21 -6.69 -9.91
C LEU A 101 26.64 -8.09 -9.53
N ILE A 102 25.69 -9.02 -9.38
CA ILE A 102 26.00 -10.40 -9.08
C ILE A 102 25.27 -11.29 -10.07
N ASP A 103 25.79 -12.50 -10.22
CA ASP A 103 25.10 -13.63 -10.81
C ASP A 103 24.86 -14.65 -9.71
N ILE A 104 23.66 -15.19 -9.68
CA ILE A 104 23.28 -16.21 -8.73
C ILE A 104 23.16 -17.54 -9.46
N ASN A 105 23.64 -18.60 -8.83
CA ASN A 105 23.49 -19.95 -9.36
C ASN A 105 23.17 -20.86 -8.17
N GLY A 106 21.89 -20.93 -7.83
CA GLY A 106 21.48 -21.63 -6.62
C GLY A 106 22.09 -20.95 -5.41
N SER A 107 22.96 -21.67 -4.72
CA SER A 107 23.60 -21.13 -3.53
C SER A 107 24.81 -20.26 -3.87
N GLU A 108 25.37 -20.40 -5.07
CA GLU A 108 26.61 -19.72 -5.40
C GLU A 108 26.34 -18.31 -5.90
N ILE A 109 26.98 -17.33 -5.27
CA ILE A 109 26.92 -15.94 -5.66
C ILE A 109 28.26 -15.54 -6.25
N THR A 110 28.26 -14.98 -7.44
CA THR A 110 29.49 -14.56 -8.08
C THR A 110 29.35 -13.13 -8.56
N ARG A 111 30.46 -12.39 -8.52
CA ARG A 111 30.48 -11.01 -8.96
C ARG A 111 30.53 -10.95 -10.48
N THR A 112 29.86 -9.94 -11.05
CA THR A 112 29.91 -9.71 -12.49
C THR A 112 31.04 -8.73 -12.80
N SER A 113 31.14 -8.33 -14.07
CA SER A 113 32.07 -7.29 -14.51
C SER A 113 31.50 -5.90 -14.35
N VAL A 114 30.25 -5.75 -13.90
CA VAL A 114 29.61 -4.45 -13.85
C VAL A 114 30.10 -3.66 -12.63
N PRO A 115 30.68 -2.47 -12.81
CA PRO A 115 31.13 -1.70 -11.65
C PRO A 115 29.97 -1.13 -10.85
N VAL A 116 30.14 -1.19 -9.52
CA VAL A 116 29.29 -0.46 -8.60
C VAL A 116 29.35 1.02 -8.93
N SER A 117 28.22 1.70 -8.77
CA SER A 117 28.20 3.13 -8.97
C SER A 117 29.14 3.82 -8.02
N THR A 118 29.78 4.89 -8.49
CA THR A 118 30.71 5.66 -7.68
C THR A 118 30.05 6.83 -6.97
N LYS A 119 28.80 7.13 -7.29
CA LYS A 119 28.10 8.19 -6.60
C LYS A 119 27.68 7.69 -5.22
N SER A 120 27.91 8.51 -4.19
CA SER A 120 27.48 8.15 -2.86
C SER A 120 25.96 8.13 -2.76
N VAL A 121 25.45 7.42 -1.75
CA VAL A 121 24.02 7.45 -1.45
C VAL A 121 23.61 8.84 -1.01
N GLU A 122 24.53 9.61 -0.41
CA GLU A 122 24.20 10.98 -0.04
C GLU A 122 24.01 11.85 -1.28
N THR A 123 24.87 11.69 -2.28
CA THR A 123 24.70 12.47 -3.49
C THR A 123 23.46 12.00 -4.28
N MET A 124 23.25 10.69 -4.35
CA MET A 124 22.03 10.15 -4.98
C MET A 124 20.79 10.76 -4.37
N LEU A 125 20.67 10.74 -3.04
CA LEU A 125 19.48 11.28 -2.40
C LEU A 125 19.34 12.77 -2.68
N GLU A 126 20.42 13.51 -2.52
CA GLU A 126 20.36 14.96 -2.69
C GLU A 126 19.85 15.31 -4.07
N GLU A 127 20.35 14.61 -5.09
CA GLU A 127 19.94 14.88 -6.46
C GLU A 127 18.50 14.47 -6.68
N LEU A 128 18.11 13.31 -6.17
CA LEU A 128 16.75 12.83 -6.35
C LEU A 128 15.75 13.72 -5.65
N LEU A 129 16.08 14.20 -4.44
CA LEU A 129 15.18 15.11 -3.74
C LEU A 129 15.05 16.44 -4.51
N HIS A 130 16.14 16.93 -5.07
CA HIS A 130 16.08 18.19 -5.80
C HIS A 130 15.34 17.99 -7.12
N ASP A 131 15.54 16.85 -7.78
CA ASP A 131 14.96 16.64 -9.11
C ASP A 131 13.50 16.24 -9.08
N GLU A 132 13.08 15.54 -8.04
CA GLU A 132 11.76 14.94 -7.95
C GLU A 132 11.14 15.23 -6.59
N PRO A 133 10.94 16.52 -6.27
CA PRO A 133 10.47 16.88 -4.92
C PRO A 133 9.08 16.33 -4.57
N LEU A 134 8.21 16.09 -5.54
CA LEU A 134 6.90 15.59 -5.18
C LEU A 134 6.97 14.17 -4.65
N HIS A 135 8.03 13.44 -5.00
CA HIS A 135 8.20 12.05 -4.56
C HIS A 135 9.23 11.96 -3.47
N ALA A 136 9.45 13.05 -2.74
CA ALA A 136 10.53 13.08 -1.77
C ALA A 136 10.33 12.06 -0.66
N ALA A 137 9.10 11.87 -0.20
CA ALA A 137 8.89 11.15 1.05
C ALA A 137 9.44 9.73 0.99
N GLU A 138 9.16 8.99 -0.09
CA GLU A 138 9.60 7.61 -0.16
C GLU A 138 11.09 7.50 -0.36
N HIS A 139 11.69 8.53 -0.93
CA HIS A 139 13.15 8.54 -1.10
C HIS A 139 13.84 8.83 0.22
N LYS A 140 13.29 9.75 1.02
CA LYS A 140 13.80 9.94 2.37
C LYS A 140 13.64 8.68 3.20
N LEU A 141 12.48 8.02 3.09
CA LEU A 141 12.29 6.78 3.83
C LEU A 141 13.29 5.72 3.36
N THR A 142 13.58 5.69 2.06
CA THR A 142 14.54 4.72 1.53
C THR A 142 15.90 4.88 2.20
N SER A 143 16.34 6.12 2.42
CA SER A 143 17.62 6.29 3.07
C SER A 143 17.56 6.13 4.59
N LEU A 144 16.40 6.42 5.20
CA LEU A 144 16.25 6.29 6.66
C LEU A 144 16.52 4.86 7.11
N THR A 145 15.89 3.88 6.45
CA THR A 145 16.24 2.50 6.78
C THR A 145 17.47 2.06 6.01
N GLY A 146 17.60 2.52 4.76
CA GLY A 146 18.69 2.07 3.90
C GLY A 146 20.07 2.35 4.45
N SER A 147 20.26 3.51 5.09
CA SER A 147 21.53 3.87 5.69
C SER A 147 21.84 3.02 6.91
N LYS A 148 20.83 2.36 7.49
CA LYS A 148 21.03 1.49 8.64
C LYS A 148 20.74 0.03 8.27
N PHE A 149 20.96 -0.33 7.02
CA PHE A 149 20.48 -1.62 6.52
C PHE A 149 21.23 -2.77 7.13
N ALA A 150 22.57 -2.68 7.22
CA ALA A 150 23.33 -3.74 7.86
C ALA A 150 22.92 -3.90 9.31
N ASP A 151 22.76 -2.78 10.03
CA ASP A 151 22.31 -2.88 11.42
C ASP A 151 20.94 -3.56 11.53
N CYS A 152 20.01 -3.24 10.61
CA CYS A 152 18.67 -3.85 10.67
C CYS A 152 18.71 -5.34 10.39
N ILE A 153 19.37 -5.77 9.31
CA ILE A 153 19.26 -7.18 8.98
C ILE A 153 19.99 -8.05 9.99
N THR A 154 20.95 -7.51 10.76
CA THR A 154 21.62 -8.29 11.80
C THR A 154 20.96 -8.16 13.18
N GLY A 155 19.99 -7.27 13.34
CA GLY A 155 19.29 -7.12 14.59
C GLY A 155 19.81 -6.00 15.48
N LYS A 156 20.90 -5.33 15.11
CA LYS A 156 21.37 -4.24 15.95
C LYS A 156 20.37 -3.08 15.98
N GLU A 157 19.66 -2.85 14.88
CA GLU A 157 18.54 -1.93 14.83
C GLU A 157 17.33 -2.70 14.33
N ASP A 158 16.15 -2.12 14.53
CA ASP A 158 14.90 -2.70 14.06
C ASP A 158 14.20 -1.72 13.12
N GLY A 159 13.81 -2.22 11.94
CA GLY A 159 13.18 -1.37 10.95
C GLY A 159 11.94 -0.67 11.47
N LEU A 160 11.08 -1.39 12.18
CA LEU A 160 9.85 -0.79 12.70
C LEU A 160 10.18 0.34 13.66
N GLN A 161 11.16 0.14 14.55
CA GLN A 161 11.57 1.18 15.48
C GLN A 161 12.14 2.39 14.73
N LEU A 162 12.97 2.16 13.70
CA LEU A 162 13.58 3.29 13.00
C LEU A 162 12.52 4.21 12.40
N ILE A 163 11.51 3.61 11.80
CA ILE A 163 10.50 4.38 11.09
C ILE A 163 9.58 5.09 12.08
N PHE A 164 9.07 4.36 13.06
CA PHE A 164 7.98 4.86 13.87
C PHE A 164 8.41 5.33 15.24
N GLY A 165 9.66 5.09 15.61
CA GLY A 165 10.18 5.50 16.91
C GLY A 165 10.66 6.92 16.95
N SER A 166 10.77 7.57 15.79
CA SER A 166 11.16 8.95 15.75
C SER A 166 10.06 9.76 15.07
N PRO A 167 9.90 11.01 15.46
CA PRO A 167 8.93 11.86 14.75
C PRO A 167 9.28 12.06 13.29
N GLU A 168 10.58 12.15 12.98
CA GLU A 168 10.99 12.32 11.59
C GLU A 168 10.49 11.17 10.74
N GLY A 169 10.68 9.95 11.21
CA GLY A 169 10.22 8.80 10.47
C GLY A 169 8.71 8.76 10.36
N ARG A 170 8.02 9.05 11.46
CA ARG A 170 6.56 9.09 11.46
C ARG A 170 6.04 10.13 10.47
N GLU A 171 6.70 11.30 10.39
CA GLU A 171 6.26 12.31 9.44
C GLU A 171 6.45 11.84 8.02
N ILE A 172 7.60 11.21 7.74
CA ILE A 172 7.88 10.75 6.39
C ILE A 172 6.85 9.71 5.95
N VAL A 173 6.55 8.76 6.82
CA VAL A 173 5.70 7.67 6.40
C VAL A 173 4.25 8.14 6.22
N THR A 174 3.79 9.07 7.06
CA THR A 174 2.51 9.74 6.81
C THR A 174 2.51 10.41 5.45
N ASP A 175 3.57 11.14 5.14
CA ASP A 175 3.64 11.83 3.85
C ASP A 175 3.67 10.84 2.71
N VAL A 176 4.35 9.70 2.89
CA VAL A 176 4.33 8.64 1.88
C VAL A 176 2.89 8.21 1.61
N TYR A 177 2.12 8.00 2.68
CA TYR A 177 0.78 7.44 2.50
C TYR A 177 -0.25 8.44 2.01
N ALA A 178 -0.09 9.73 2.32
CA ALA A 178 -1.07 10.77 1.98
C ALA A 178 -0.64 11.62 0.79
N LYS A 179 0.63 12.01 0.74
CA LYS A 179 1.08 13.06 -0.17
C LYS A 179 1.79 12.55 -1.41
N SER A 180 2.61 11.52 -1.30
CA SER A 180 3.32 10.99 -2.45
C SER A 180 2.34 10.60 -3.54
N PRO A 181 2.53 11.10 -4.78
CA PRO A 181 1.67 10.71 -5.90
C PRO A 181 1.46 9.20 -6.02
N ILE A 182 2.46 8.38 -5.71
CA ILE A 182 2.31 6.93 -5.90
C ILE A 182 1.12 6.39 -5.11
N ASN A 183 0.76 7.06 -4.01
CA ASN A 183 -0.47 6.75 -3.28
C ASN A 183 -1.60 7.75 -3.55
N ALA A 184 -1.30 9.05 -3.61
CA ALA A 184 -2.35 10.05 -3.72
C ALA A 184 -3.17 9.91 -5.00
N VAL A 185 -2.56 9.42 -6.08
CA VAL A 185 -3.26 9.33 -7.36
C VAL A 185 -4.55 8.53 -7.18
N TRP A 186 -4.43 7.34 -6.61
CA TRP A 186 -5.58 6.45 -6.52
C TRP A 186 -6.53 6.83 -5.39
N ILE A 187 -6.05 7.52 -4.36
CA ILE A 187 -6.94 8.11 -3.37
C ILE A 187 -7.79 9.19 -4.01
N GLN A 188 -7.15 10.05 -4.82
CA GLN A 188 -7.91 11.07 -5.53
C GLN A 188 -8.91 10.43 -6.46
N GLN A 189 -8.54 9.35 -7.12
CA GLN A 189 -9.48 8.66 -8.01
C GLN A 189 -10.64 8.07 -7.22
N ALA A 190 -10.37 7.56 -6.02
CA ALA A 190 -11.44 7.05 -5.19
C ALA A 190 -12.38 8.17 -4.77
N GLU A 191 -11.86 9.36 -4.47
CA GLU A 191 -12.74 10.51 -4.23
C GLU A 191 -13.71 10.74 -5.38
N PHE A 192 -13.19 10.74 -6.62
CA PHE A 192 -14.03 10.96 -7.79
C PHE A 192 -15.10 9.88 -7.92
N PHE A 193 -14.71 8.63 -7.69
CA PHE A 193 -15.67 7.54 -7.74
C PHE A 193 -16.78 7.78 -6.73
N LEU A 194 -16.40 8.05 -5.47
CA LEU A 194 -17.41 8.21 -4.43
C LEU A 194 -18.31 9.42 -4.69
N GLU A 195 -17.76 10.53 -5.18
CA GLU A 195 -18.58 11.70 -5.49
C GLU A 195 -19.59 11.36 -6.57
N GLN A 196 -19.16 10.68 -7.62
CA GLN A 196 -20.07 10.32 -8.70
C GLN A 196 -21.10 9.30 -8.21
N LEU A 197 -20.67 8.45 -7.28
CA LEU A 197 -21.59 7.49 -6.65
CA LEU A 197 -21.58 7.49 -6.67
C LEU A 197 -22.69 8.18 -5.89
N VAL A 198 -22.32 9.13 -5.02
CA VAL A 198 -23.30 9.78 -4.17
C VAL A 198 -24.34 10.59 -4.95
N LYS A 199 -23.94 11.17 -6.10
CA LYS A 199 -24.87 11.90 -6.99
C LYS A 199 -26.00 11.04 -7.50
N ARG A 200 -25.85 9.72 -7.46
CA ARG A 200 -26.78 8.75 -8.02
C ARG A 200 -27.60 8.05 -6.95
N LEU A 201 -27.45 8.47 -5.68
CA LEU A 201 -28.13 7.79 -4.58
C LEU A 201 -29.48 8.46 -4.30
N PRO A 202 -30.51 7.67 -3.98
CA PRO A 202 -31.73 8.25 -3.44
C PRO A 202 -31.41 8.94 -2.13
N ASN A 203 -32.16 9.97 -1.83
CA ASN A 203 -32.08 10.73 -0.59
C ASN A 203 -33.29 10.38 0.28
N THR A 204 -33.08 9.62 1.35
CA THR A 204 -34.14 9.28 2.28
C THR A 204 -33.91 9.88 3.66
N GLY A 205 -32.86 10.68 3.82
CA GLY A 205 -32.45 11.15 5.13
C GLY A 205 -31.62 10.17 5.92
N GLU A 206 -31.49 8.95 5.43
CA GLU A 206 -30.79 7.88 6.11
C GLU A 206 -29.33 7.88 5.71
N PRO A 207 -28.44 7.44 6.60
CA PRO A 207 -27.00 7.59 6.37
C PRO A 207 -26.43 6.50 5.49
N LEU A 208 -25.43 6.93 4.73
CA LEU A 208 -24.49 6.04 4.07
C LEU A 208 -23.47 5.63 5.12
N ARG A 209 -23.32 4.33 5.32
CA ARG A 209 -22.42 3.80 6.33
C ARG A 209 -21.16 3.29 5.65
N ILE A 210 -20.06 3.94 5.98
CA ILE A 210 -18.75 3.69 5.39
C ILE A 210 -17.81 3.30 6.51
N LEU A 211 -17.10 2.19 6.33
CA LEU A 211 -16.12 1.73 7.31
C LEU A 211 -14.77 1.60 6.61
N GLU A 212 -13.77 2.24 7.18
CA GLU A 212 -12.41 2.15 6.65
C GLU A 212 -11.59 1.21 7.52
N MET A 213 -11.05 0.18 6.90
CA MET A 213 -10.13 -0.76 7.53
CA MET A 213 -10.14 -0.72 7.58
C MET A 213 -8.70 -0.31 7.31
N GLY A 214 -7.85 -0.62 8.27
CA GLY A 214 -6.43 -0.31 8.13
C GLY A 214 -6.18 1.15 7.83
N ALA A 215 -6.97 2.03 8.43
CA ALA A 215 -6.92 3.44 8.09
C ALA A 215 -5.59 4.06 8.51
N GLY A 216 -4.92 3.47 9.48
CA GLY A 216 -3.58 3.84 9.85
C GLY A 216 -3.38 5.32 10.08
N THR A 217 -2.50 5.91 9.28
CA THR A 217 -2.09 7.31 9.37
C THR A 217 -3.12 8.26 8.78
N GLY A 218 -4.21 7.73 8.20
CA GLY A 218 -5.23 8.58 7.62
C GLY A 218 -4.87 9.10 6.25
N GLY A 219 -4.09 8.34 5.47
CA GLY A 219 -3.68 8.82 4.17
C GLY A 219 -4.86 8.92 3.22
N THR A 220 -5.79 7.99 3.36
CA THR A 220 -7.06 8.04 2.65
C THR A 220 -8.07 8.87 3.44
N THR A 221 -8.10 8.67 4.74
CA THR A 221 -9.09 9.33 5.59
C THR A 221 -9.05 10.84 5.42
N VAL A 222 -7.86 11.42 5.32
CA VAL A 222 -7.75 12.88 5.27
C VAL A 222 -8.41 13.46 4.03
N LYS A 223 -8.56 12.67 2.95
CA LYS A 223 -9.31 13.10 1.79
C LYS A 223 -10.80 12.78 1.86
N MET A 224 -11.18 11.66 2.48
CA MET A 224 -12.57 11.26 2.46
C MET A 224 -13.43 12.19 3.31
N LEU A 225 -12.91 12.65 4.43
CA LEU A 225 -13.73 13.41 5.38
C LEU A 225 -14.13 14.76 4.81
N PRO A 226 -13.20 15.60 4.32
CA PRO A 226 -13.61 16.83 3.64
C PRO A 226 -14.52 16.57 2.47
N LEU A 227 -14.28 15.49 1.73
CA LEU A 227 -15.17 15.13 0.63
C LEU A 227 -16.60 14.92 1.13
N LEU A 228 -16.78 14.11 2.17
CA LEU A 228 -18.13 13.84 2.67
C LEU A 228 -18.74 15.10 3.29
N GLU A 229 -17.91 15.92 3.93
CA GLU A 229 -18.36 17.21 4.45
C GLU A 229 -18.97 18.06 3.33
N ARG A 230 -18.28 18.16 2.20
CA ARG A 230 -18.79 19.06 1.17
CA ARG A 230 -18.72 19.01 1.10
C ARG A 230 -19.94 18.44 0.37
N LEU A 231 -20.04 17.11 0.28
CA LEU A 231 -21.21 16.53 -0.37
C LEU A 231 -22.48 16.70 0.47
N GLY A 232 -22.34 16.71 1.79
CA GLY A 232 -23.44 17.02 2.68
C GLY A 232 -24.56 16.01 2.73
N VAL A 233 -24.34 14.78 2.31
CA VAL A 233 -25.40 13.78 2.46
C VAL A 233 -25.16 13.02 3.76
N PRO A 234 -26.21 12.53 4.42
CA PRO A 234 -26.01 11.87 5.71
C PRO A 234 -25.07 10.70 5.60
N VAL A 235 -24.15 10.61 6.56
CA VAL A 235 -23.08 9.62 6.54
C VAL A 235 -22.67 9.31 7.96
N GLU A 236 -22.26 8.06 8.17
CA GLU A 236 -21.52 7.63 9.35
C GLU A 236 -20.25 6.97 8.84
N TYR A 237 -19.10 7.58 9.15
CA TYR A 237 -17.78 7.09 8.74
C TYR A 237 -17.06 6.50 9.93
N THR A 238 -16.82 5.19 9.89
CA THR A 238 -16.15 4.49 10.97
C THR A 238 -14.71 4.27 10.51
N MET A 239 -13.80 4.97 11.15
CA MET A 239 -12.38 4.83 10.86
C MET A 239 -11.81 3.79 11.82
N THR A 240 -11.17 2.77 11.27
CA THR A 240 -10.67 1.68 12.10
C THR A 240 -9.26 1.27 11.69
N ASP A 241 -8.58 0.55 12.60
CA ASP A 241 -7.24 0.03 12.36
C ASP A 241 -6.95 -0.98 13.45
N LEU A 242 -5.96 -1.83 13.19
CA LEU A 242 -5.45 -2.71 14.23
C LEU A 242 -4.81 -1.93 15.36
N SER A 243 -4.22 -0.77 15.07
CA SER A 243 -3.40 -0.02 16.04
C SER A 243 -4.26 0.95 16.85
N SER A 244 -4.27 0.78 18.17
CA SER A 244 -5.08 1.68 18.99
C SER A 244 -4.45 3.07 19.12
N SER A 245 -3.13 3.16 19.05
CA SER A 245 -2.48 4.47 19.09
C SER A 245 -2.85 5.29 17.86
N LEU A 246 -2.75 4.68 16.67
CA LEU A 246 -3.13 5.41 15.46
C LEU A 246 -4.58 5.86 15.51
N ILE A 247 -5.48 5.05 16.08
CA ILE A 247 -6.87 5.47 16.20
C ILE A 247 -7.00 6.62 17.19
N ALA A 248 -6.38 6.49 18.36
CA ALA A 248 -6.50 7.55 19.36
C ALA A 248 -6.02 8.88 18.80
N ALA A 249 -4.90 8.88 18.09
CA ALA A 249 -4.43 10.08 17.41
C ALA A 249 -5.47 10.60 16.41
N ALA A 250 -6.03 9.69 15.59
CA ALA A 250 -7.00 10.11 14.59
C ALA A 250 -8.26 10.66 15.24
N ARG A 251 -8.68 10.08 16.36
CA ARG A 251 -9.86 10.59 17.07
C ARG A 251 -9.68 12.07 17.41
N LYS A 252 -8.46 12.46 17.79
CA LYS A 252 -8.16 13.86 18.04
C LYS A 252 -8.11 14.63 16.73
N ARG A 253 -7.25 14.20 15.80
CA ARG A 253 -7.07 14.88 14.53
C ARG A 253 -8.40 15.15 13.83
N PHE A 254 -9.27 14.14 13.74
CA PHE A 254 -10.47 14.21 12.92
C PHE A 254 -11.73 14.52 13.72
N LYS A 255 -11.58 15.05 14.93
CA LYS A 255 -12.73 15.40 15.75
C LYS A 255 -13.63 16.41 15.06
N LYS A 256 -13.03 17.34 14.31
CA LYS A 256 -13.73 18.35 13.54
C LYS A 256 -15.02 17.82 12.94
N TYR A 257 -15.01 16.58 12.48
CA TYR A 257 -16.11 16.07 11.69
C TYR A 257 -17.08 15.31 12.60
N PRO A 258 -18.37 15.70 12.64
CA PRO A 258 -19.28 15.10 13.60
C PRO A 258 -19.86 13.76 13.16
N PHE A 259 -19.64 13.37 11.90
CA PHE A 259 -20.13 12.11 11.37
C PHE A 259 -19.15 10.96 11.60
N MET A 260 -18.19 11.11 12.51
CA MET A 260 -17.12 10.14 12.66
CA MET A 260 -17.11 10.15 12.67
C MET A 260 -17.35 9.22 13.85
N LYS A 261 -17.05 7.96 13.64
CA LYS A 261 -16.86 6.99 14.70
C LYS A 261 -15.42 6.46 14.54
N PHE A 262 -14.80 6.08 15.66
CA PHE A 262 -13.43 5.56 15.67
C PHE A 262 -13.38 4.28 16.48
N LYS A 263 -12.70 3.25 15.97
CA LYS A 263 -12.72 1.94 16.62
C LYS A 263 -11.54 1.09 16.14
N VAL A 264 -10.98 0.29 17.06
CA VAL A 264 -9.97 -0.73 16.73
C VAL A 264 -10.66 -1.95 16.15
N VAL A 265 -10.26 -2.34 14.94
CA VAL A 265 -10.86 -3.49 14.28
C VAL A 265 -9.76 -4.29 13.59
N ASN A 266 -9.74 -5.59 13.82
CA ASN A 266 -8.78 -6.49 13.18
C ASN A 266 -9.47 -7.18 12.00
N ILE A 267 -8.96 -6.90 10.80
CA ILE A 267 -9.45 -7.49 9.56
C ILE A 267 -9.56 -8.99 9.64
N GLU A 268 -8.65 -9.64 10.40
CA GLU A 268 -8.62 -11.11 10.46
C GLU A 268 -9.68 -11.68 11.37
N SER A 269 -10.26 -10.86 12.27
CA SER A 269 -11.22 -11.35 13.25
C SER A 269 -12.62 -11.54 12.64
N PRO A 270 -13.37 -12.53 13.11
CA PRO A 270 -14.79 -12.57 12.78
C PRO A 270 -15.47 -11.32 13.26
N PRO A 271 -16.45 -10.80 12.51
CA PRO A 271 -17.17 -9.61 12.96
C PRO A 271 -18.09 -9.89 14.12
N ASP A 272 -18.11 -8.99 15.11
CA ASP A 272 -19.13 -9.10 16.14
C ASP A 272 -20.50 -8.76 15.56
N PRO A 273 -21.58 -9.27 16.18
CA PRO A 273 -22.93 -9.06 15.64
C PRO A 273 -23.21 -7.64 15.21
N GLN A 274 -22.72 -6.66 15.97
CA GLN A 274 -22.99 -5.27 15.64
C GLN A 274 -22.42 -4.87 14.29
N LEU A 275 -21.37 -5.54 13.81
CA LEU A 275 -20.79 -5.18 12.51
C LEU A 275 -21.45 -5.92 11.35
N VAL A 276 -22.15 -7.02 11.62
CA VAL A 276 -22.65 -7.89 10.56
C VAL A 276 -23.66 -7.14 9.70
N HIS A 277 -23.43 -7.16 8.39
CA HIS A 277 -24.39 -6.59 7.42
C HIS A 277 -24.73 -5.15 7.76
N SER A 278 -23.72 -4.37 8.17
CA SER A 278 -23.96 -3.04 8.67
C SER A 278 -23.51 -1.95 7.72
N GLN A 279 -22.53 -2.20 6.86
CA GLN A 279 -21.89 -1.15 6.08
C GLN A 279 -22.24 -1.20 4.60
N HIS A 280 -22.44 -0.01 4.00
CA HIS A 280 -22.59 0.13 2.55
C HIS A 280 -21.26 -0.02 1.82
N ILE A 281 -20.20 0.51 2.42
CA ILE A 281 -18.89 0.64 1.78
C ILE A 281 -17.81 0.30 2.78
N ILE A 282 -16.91 -0.59 2.40
CA ILE A 282 -15.66 -0.78 3.12
C ILE A 282 -14.52 -0.31 2.24
N LEU A 283 -13.79 0.67 2.76
CA LEU A 283 -12.56 1.19 2.20
C LEU A 283 -11.37 0.51 2.85
N ALA A 284 -10.33 0.15 2.07
CA ALA A 284 -9.19 -0.60 2.63
C ALA A 284 -8.00 -0.33 1.72
N THR A 285 -7.11 0.54 2.18
CA THR A 285 -5.95 0.96 1.40
C THR A 285 -4.72 0.27 1.95
N ASN A 286 -4.22 -0.72 1.16
CA ASN A 286 -2.95 -1.40 1.36
C ASN A 286 -2.81 -1.97 2.77
N CYS A 287 -3.89 -2.54 3.24
CA CYS A 287 -3.90 -3.23 4.52
C CYS A 287 -4.33 -4.68 4.40
N VAL A 288 -5.22 -5.02 3.47
CA VAL A 288 -5.71 -6.40 3.45
C VAL A 288 -4.59 -7.35 3.02
N HIS A 289 -3.67 -6.91 2.17
CA HIS A 289 -2.55 -7.77 1.80
C HIS A 289 -1.70 -8.14 2.99
N ALA A 290 -1.73 -7.34 4.07
CA ALA A 290 -0.84 -7.58 5.21
C ALA A 290 -1.35 -8.66 6.13
N THR A 291 -2.50 -9.23 5.82
CA THR A 291 -3.06 -10.24 6.69
C THR A 291 -2.56 -11.63 6.29
N ARG A 292 -2.86 -12.61 7.15
CA ARG A 292 -2.34 -13.95 6.96
C ARG A 292 -2.97 -14.66 5.76
N ASN A 293 -4.26 -14.46 5.55
CA ASN A 293 -5.02 -15.33 4.65
C ASN A 293 -6.08 -14.48 3.99
N LEU A 294 -5.95 -14.29 2.67
CA LEU A 294 -6.81 -13.34 1.97
C LEU A 294 -8.24 -13.83 1.93
N GLU A 295 -8.45 -15.14 1.79
CA GLU A 295 -9.82 -15.69 1.85
C GLU A 295 -10.50 -15.36 3.16
N ILE A 296 -9.83 -15.63 4.27
CA ILE A 296 -10.41 -15.35 5.57
CA ILE A 296 -10.41 -15.35 5.58
C ILE A 296 -10.69 -13.86 5.72
N SER A 297 -9.72 -13.02 5.34
CA SER A 297 -9.91 -11.59 5.52
C SER A 297 -11.06 -11.05 4.67
N THR A 298 -11.11 -11.44 3.40
CA THR A 298 -12.12 -10.87 2.54
C THR A 298 -13.48 -11.48 2.85
N ARG A 299 -13.52 -12.70 3.36
N ARG A 299 -13.52 -12.70 3.36
CA ARG A 299 -14.79 -13.27 3.83
CA ARG A 299 -14.78 -13.26 3.82
C ARG A 299 -15.30 -12.49 5.04
C ARG A 299 -15.30 -12.50 5.04
N ASN A 300 -14.41 -12.19 5.99
CA ASN A 300 -14.80 -11.36 7.12
C ASN A 300 -15.39 -10.04 6.65
N ILE A 301 -14.69 -9.38 5.72
CA ILE A 301 -15.17 -8.12 5.17
C ILE A 301 -16.53 -8.31 4.53
N HIS A 302 -16.71 -9.39 3.77
CA HIS A 302 -18.00 -9.64 3.13
C HIS A 302 -19.13 -9.63 4.14
N ARG A 303 -18.92 -10.23 5.31
CA ARG A 303 -20.00 -10.40 6.26
C ARG A 303 -20.37 -9.08 6.92
N ILE A 304 -19.45 -8.11 6.93
CA ILE A 304 -19.71 -6.78 7.46
C ILE A 304 -20.48 -5.93 6.46
N LEU A 305 -20.47 -6.31 5.19
CA LEU A 305 -21.17 -5.54 4.17
C LEU A 305 -22.64 -5.85 4.19
N ARG A 306 -23.45 -4.81 4.05
CA ARG A 306 -24.83 -5.00 3.62
C ARG A 306 -24.86 -5.73 2.28
N PRO A 307 -25.95 -6.45 1.98
CA PRO A 307 -26.08 -7.11 0.67
C PRO A 307 -25.95 -6.17 -0.50
N ASP A 308 -26.34 -4.90 -0.33
CA ASP A 308 -26.23 -3.93 -1.41
C ASP A 308 -24.89 -3.19 -1.41
N GLY A 309 -23.94 -3.60 -0.57
CA GLY A 309 -22.70 -2.88 -0.39
C GLY A 309 -21.55 -3.39 -1.24
N PHE A 310 -20.38 -2.78 -1.01
CA PHE A 310 -19.20 -3.19 -1.74
C PHE A 310 -17.94 -2.85 -0.96
N LEU A 311 -16.91 -3.59 -1.32
CA LEU A 311 -15.54 -3.34 -0.90
C LEU A 311 -14.80 -2.57 -1.98
N LEU A 312 -14.07 -1.53 -1.57
CA LEU A 312 -13.15 -0.81 -2.44
C LEU A 312 -11.75 -0.96 -1.87
N LEU A 313 -11.00 -1.86 -2.48
CA LEU A 313 -9.58 -1.99 -2.18
C LEU A 313 -8.75 -0.97 -2.94
N LEU A 314 -7.74 -0.43 -2.28
N LEU A 314 -7.73 -0.45 -2.28
CA LEU A 314 -6.64 0.23 -2.97
CA LEU A 314 -6.63 0.24 -2.95
C LEU A 314 -5.42 -0.61 -2.63
C LEU A 314 -5.42 -0.60 -2.62
N GLU A 315 -4.93 -1.36 -3.61
CA GLU A 315 -3.88 -2.33 -3.38
C GLU A 315 -2.76 -2.17 -4.38
N MET A 316 -1.53 -2.27 -3.88
CA MET A 316 -0.37 -2.33 -4.75
C MET A 316 -0.34 -3.70 -5.41
N THR A 317 -0.46 -3.72 -6.73
CA THR A 317 -0.64 -4.95 -7.47
C THR A 317 0.63 -5.41 -8.17
N GLU A 318 1.66 -4.55 -8.21
CA GLU A 318 2.97 -4.88 -8.73
C GLU A 318 4.03 -4.47 -7.72
N GLN A 319 5.08 -5.28 -7.56
CA GLN A 319 6.15 -4.91 -6.66
C GLN A 319 6.95 -3.74 -7.21
N VAL A 320 7.44 -2.92 -6.29
CA VAL A 320 8.27 -1.74 -6.56
C VAL A 320 9.50 -1.90 -5.68
N PRO A 321 10.73 -1.76 -6.20
CA PRO A 321 11.89 -2.11 -5.34
C PRO A 321 11.97 -1.33 -4.04
N TRP A 322 11.78 0.00 -4.04
CA TRP A 322 11.93 0.73 -2.78
C TRP A 322 10.90 0.29 -1.74
N VAL A 323 9.71 -0.13 -2.17
CA VAL A 323 8.70 -0.62 -1.23
C VAL A 323 9.18 -1.91 -0.56
N ASP A 324 9.58 -2.90 -1.37
CA ASP A 324 10.17 -4.11 -0.79
C ASP A 324 11.37 -3.79 0.09
N PHE A 325 12.23 -2.89 -0.35
CA PHE A 325 13.48 -2.63 0.34
C PHE A 325 13.23 -2.14 1.76
N ILE A 326 12.21 -1.32 1.93
CA ILE A 326 11.88 -0.75 3.23
C ILE A 326 10.97 -1.68 4.02
N PHE A 327 9.80 -1.96 3.45
CA PHE A 327 8.81 -2.71 4.20
C PHE A 327 9.21 -4.15 4.38
N GLY A 328 10.10 -4.67 3.54
CA GLY A 328 10.54 -6.03 3.72
C GLY A 328 11.29 -6.24 5.00
N LEU A 329 11.72 -5.17 5.67
CA LEU A 329 12.36 -5.25 6.98
C LEU A 329 11.36 -5.50 8.11
N LEU A 330 10.06 -5.45 7.83
CA LEU A 330 9.04 -5.42 8.87
C LEU A 330 8.29 -6.73 8.88
N GLU A 331 8.09 -7.26 10.10
CA GLU A 331 7.37 -8.53 10.26
C GLU A 331 6.01 -8.50 9.58
N GLY A 332 5.36 -7.33 9.52
CA GLY A 332 4.04 -7.17 8.93
C GLY A 332 3.97 -7.42 7.44
N TRP A 333 5.12 -7.47 6.77
CA TRP A 333 5.20 -7.69 5.33
C TRP A 333 5.30 -9.16 4.97
N TRP A 334 5.50 -10.04 5.97
CA TRP A 334 5.75 -11.46 5.76
C TRP A 334 4.76 -12.34 6.52
N LEU A 335 3.57 -11.84 6.80
CA LEU A 335 2.62 -12.62 7.58
C LEU A 335 1.84 -13.64 6.75
N PHE A 336 1.80 -13.48 5.43
CA PHE A 336 1.02 -14.38 4.59
C PHE A 336 1.35 -15.84 4.88
N GLU A 337 0.31 -16.66 4.97
CA GLU A 337 0.47 -18.09 5.16
C GLU A 337 -0.63 -18.85 4.43
N ASP A 338 -1.04 -18.32 3.27
CA ASP A 338 -2.15 -18.88 2.51
C ASP A 338 -1.73 -19.32 1.11
N GLY A 339 -0.44 -19.56 0.90
CA GLY A 339 0.05 -19.96 -0.38
C GLY A 339 0.73 -18.86 -1.19
N ARG A 340 0.52 -17.60 -0.81
CA ARG A 340 1.26 -16.52 -1.44
C ARG A 340 2.75 -16.66 -1.17
N ARG A 341 3.54 -16.16 -2.10
CA ARG A 341 4.98 -16.03 -1.93
C ARG A 341 5.40 -14.59 -1.67
N HIS A 342 4.46 -13.66 -1.74
CA HIS A 342 4.65 -12.26 -1.47
C HIS A 342 3.31 -11.73 -1.00
N ALA A 343 3.34 -10.72 -0.13
CA ALA A 343 2.09 -10.18 0.40
C ALA A 343 1.23 -9.59 -0.70
N LEU A 344 1.85 -8.87 -1.63
CA LEU A 344 1.14 -8.20 -2.70
C LEU A 344 0.75 -9.18 -3.79
N GLN A 345 -0.40 -8.92 -4.43
CA GLN A 345 -0.94 -9.82 -5.44
C GLN A 345 -1.58 -9.02 -6.57
N PRO A 346 -1.50 -9.52 -7.80
CA PRO A 346 -2.14 -8.85 -8.92
C PRO A 346 -3.65 -8.98 -8.80
N ALA A 347 -4.33 -8.04 -9.43
CA ALA A 347 -5.79 -7.95 -9.34
C ALA A 347 -6.48 -9.27 -9.71
N THR A 348 -5.90 -10.00 -10.66
CA THR A 348 -6.48 -11.27 -11.09
C THR A 348 -6.56 -12.25 -9.93
N HIS A 349 -5.54 -12.26 -9.06
CA HIS A 349 -5.57 -13.11 -7.89
C HIS A 349 -6.60 -12.60 -6.89
N TRP A 350 -6.62 -11.30 -6.66
CA TRP A 350 -7.64 -10.73 -5.80
C TRP A 350 -9.04 -11.14 -6.26
N LYS A 351 -9.30 -11.09 -7.57
CA LYS A 351 -10.62 -11.50 -8.05
C LYS A 351 -10.89 -12.96 -7.71
N LYS A 352 -9.89 -13.82 -7.85
CA LYS A 352 -10.07 -15.23 -7.51
C LYS A 352 -10.51 -15.39 -6.07
N ILE A 353 -9.78 -14.76 -5.15
CA ILE A 353 -10.13 -14.84 -3.74
C ILE A 353 -11.53 -14.31 -3.52
N LEU A 354 -11.79 -13.09 -4.01
CA LEU A 354 -13.04 -12.39 -3.75
C LEU A 354 -14.23 -13.19 -4.26
N THR A 355 -14.11 -13.77 -5.46
CA THR A 355 -15.20 -14.56 -6.00
C THR A 355 -15.44 -15.80 -5.15
N SER A 356 -14.37 -16.43 -4.69
CA SER A 356 -14.49 -17.69 -3.96
C SER A 356 -15.17 -17.51 -2.60
N VAL A 357 -15.16 -16.31 -2.02
CA VAL A 357 -15.76 -16.09 -0.70
C VAL A 357 -17.14 -15.42 -0.81
N GLY A 358 -17.66 -15.20 -2.01
CA GLY A 358 -19.04 -14.76 -2.15
C GLY A 358 -19.24 -13.38 -2.75
N TYR A 359 -18.22 -12.64 -3.14
CA TYR A 359 -18.46 -11.36 -3.81
C TYR A 359 -18.99 -11.62 -5.21
N GLY A 360 -19.95 -10.81 -5.65
CA GLY A 360 -20.68 -11.12 -6.88
C GLY A 360 -20.18 -10.41 -8.12
N HIS A 361 -19.38 -9.37 -7.93
CA HIS A 361 -18.87 -8.58 -9.05
C HIS A 361 -17.55 -7.99 -8.65
N VAL A 362 -16.54 -8.16 -9.48
CA VAL A 362 -15.20 -7.61 -9.24
C VAL A 362 -14.76 -6.83 -10.46
N ASP A 363 -14.24 -5.63 -10.23
CA ASP A 363 -13.67 -4.81 -11.30
C ASP A 363 -12.45 -4.07 -10.74
N TRP A 364 -11.64 -3.50 -11.63
CA TRP A 364 -10.51 -2.70 -11.13
C TRP A 364 -10.09 -1.67 -12.16
N THR A 365 -9.36 -0.67 -11.69
CA THR A 365 -8.83 0.38 -12.54
C THR A 365 -7.75 -0.19 -13.44
N GLU A 366 -7.68 0.38 -14.65
CA GLU A 366 -6.66 0.04 -15.62
C GLU A 366 -6.44 1.22 -16.53
N GLY A 367 -5.29 1.20 -17.20
CA GLY A 367 -4.95 2.24 -18.14
C GLY A 367 -3.81 1.81 -19.04
N THR A 368 -3.44 2.73 -19.94
CA THR A 368 -2.31 2.50 -20.85
CA THR A 368 -2.31 2.50 -20.85
C THR A 368 -0.97 2.91 -20.25
N ARG A 369 -0.97 3.83 -19.30
CA ARG A 369 0.28 4.19 -18.65
C ARG A 369 0.79 3.04 -17.79
N PRO A 370 2.11 2.83 -17.73
CA PRO A 370 2.65 1.71 -16.95
C PRO A 370 2.29 1.80 -15.47
N GLU A 371 2.13 3.01 -14.93
CA GLU A 371 1.80 3.17 -13.53
C GLU A 371 0.43 2.62 -13.21
N ALA A 372 -0.48 2.57 -14.19
CA ALA A 372 -1.80 1.98 -13.98
C ALA A 372 -1.72 0.52 -13.55
N ASN A 373 -0.57 -0.13 -13.66
CA ASN A 373 -0.39 -1.50 -13.19
C ASN A 373 0.23 -1.56 -11.80
N ILE A 374 0.67 -0.43 -11.26
CA ILE A 374 1.42 -0.49 -9.99
C ILE A 374 0.47 -0.64 -8.81
N GLN A 375 -0.55 0.22 -8.75
CA GLN A 375 -1.66 0.06 -7.82
C GLN A 375 -2.95 0.11 -8.59
N ARG A 376 -3.98 -0.43 -7.96
CA ARG A 376 -5.31 -0.43 -8.52
C ARG A 376 -6.31 -0.16 -7.42
N LEU A 377 -7.41 0.50 -7.79
CA LEU A 377 -8.64 0.34 -7.04
C LEU A 377 -9.31 -0.93 -7.54
N ILE A 378 -9.70 -1.78 -6.60
CA ILE A 378 -10.35 -3.05 -6.88
C ILE A 378 -11.66 -3.00 -6.12
N ILE A 379 -12.75 -2.99 -6.87
CA ILE A 379 -14.08 -2.96 -6.27
C ILE A 379 -14.68 -4.35 -6.30
N ALA A 380 -15.40 -4.70 -5.23
CA ALA A 380 -15.98 -6.03 -5.06
C ALA A 380 -17.36 -5.87 -4.43
N LEU A 381 -18.39 -6.22 -5.18
CA LEU A 381 -19.76 -6.09 -4.72
C LEU A 381 -20.15 -7.31 -3.90
N ALA A 382 -20.84 -7.05 -2.80
CA ALA A 382 -21.26 -8.15 -1.92
C ALA A 382 -22.18 -9.14 -2.62
N SER A 383 -23.06 -8.67 -3.52
CA SER A 383 -24.01 -9.48 -4.25
C SER A 383 -23.81 -9.34 -5.76
N GLU A 384 -24.35 -10.33 -6.53
CA GLU A 384 -24.20 -10.39 -7.99
C GLU A 384 -25.28 -9.56 -8.68
N PRO A 385 -24.93 -8.61 -9.56
CA PRO A 385 -25.97 -7.84 -10.25
C PRO A 385 -26.69 -8.64 -11.33
N SAH B . -4.11 2.84 4.95
CA SAH B . -2.76 3.06 5.53
CB SAH B . -1.55 2.72 4.66
CG SAH B . -1.27 1.24 4.52
SD SAH B . -0.33 0.74 6.01
C SAH B . -2.66 4.57 5.91
O SAH B . -1.82 4.77 6.89
OXT SAH B . -3.24 5.45 5.33
C5' SAH B . -1.22 -0.75 6.55
C4' SAH B . -2.16 -0.38 7.69
O4' SAH B . -2.90 -1.59 7.96
C3' SAH B . -1.46 0.00 9.00
O3' SAH B . -2.15 1.15 9.52
C2' SAH B . -1.64 -1.23 9.89
O2' SAH B . -1.76 -0.92 11.27
C1' SAH B . -2.95 -1.79 9.36
N9 SAH B . -3.18 -3.20 9.59
C8 SAH B . -2.30 -4.24 9.51
N7 SAH B . -2.80 -5.41 9.82
C5 SAH B . -4.11 -5.13 10.14
C6 SAH B . -5.19 -5.94 10.56
N6 SAH B . -5.10 -7.25 10.78
N1 SAH B . -6.38 -5.34 10.79
C2 SAH B . -6.48 -4.01 10.61
N3 SAH B . -5.54 -3.15 10.21
C4 SAH B . -4.37 -3.78 9.99
HN1 SAH B . -4.58 3.71 4.69
HN2 SAH B . -4.12 2.21 4.15
HA SAH B . -2.70 2.46 6.43
HB1 SAH B . -0.66 3.22 5.04
HB2 SAH B . -1.70 3.15 3.67
HG1 SAH B . -0.69 1.01 3.63
HG2 SAH B . -2.17 0.64 4.46
H5'1 SAH B . -0.49 -1.50 6.84
H5'2 SAH B . -1.79 -1.14 5.70
H4' SAH B . -2.89 0.35 7.38
H3' SAH B . -0.41 0.26 8.87
HO3' SAH B . -2.70 0.85 10.30
H2' SAH B . -0.81 -1.92 9.73
HO2' SAH B . -2.73 -0.96 11.50
H1' SAH B . -3.81 -1.23 9.73
H8 SAH B . -1.26 -4.10 9.20
HN61 SAH B . -4.22 -7.76 10.66
HN62 SAH B . -5.90 -7.78 11.09
H2 SAH B . -7.46 -3.59 10.82
C1 EDO C . 6.11 14.72 -12.69
O1 EDO C . 6.54 14.06 -13.87
C2 EDO C . 7.15 14.54 -11.60
O2 EDO C . 7.64 13.18 -11.66
H11 EDO C . 5.15 14.31 -12.35
H12 EDO C . 5.98 15.79 -12.89
HO1 EDO C . 5.88 14.18 -14.57
H21 EDO C . 6.72 14.73 -10.62
H22 EDO C . 7.99 15.23 -11.75
HO2 EDO C . 8.31 13.05 -10.97
C1 EDO D . 3.37 -9.67 -6.20
O1 EDO D . 2.70 -10.91 -6.44
C2 EDO D . 2.65 -8.61 -7.00
O2 EDO D . 2.35 -9.16 -8.30
H11 EDO D . 4.42 -9.75 -6.51
H12 EDO D . 3.34 -9.43 -5.13
HO1 EDO D . 3.14 -11.62 -5.93
H21 EDO D . 3.29 -7.73 -7.11
H22 EDO D . 1.74 -8.32 -6.50
HO2 EDO D . 1.90 -8.50 -8.83
#